data_9C3I
#
_entry.id   9C3I
#
_cell.length_a   1.00
_cell.length_b   1.00
_cell.length_c   1.00
_cell.angle_alpha   90.00
_cell.angle_beta   90.00
_cell.angle_gamma   90.00
#
_symmetry.space_group_name_H-M   'P 1'
#
loop_
_entity.id
_entity.type
_entity.pdbx_description
1 polymer 'CCR4-NOT transcription complex subunit 3'
2 polymer 'tRNA Leu, UAA-1-1'
#
loop_
_entity_poly.entity_id
_entity_poly.type
_entity_poly.pdbx_seq_one_letter_code
_entity_poly.pdbx_strand_id
1 'polypeptide(L)'
;MADKRKLQGEIDRCLKKVSEGVEQFEDIWQKLHNAANANQKEKYEADLKKEIKKLQRLRDQIKTWVASNEIKDKRQLIDN
RKLIETQMERFKVVERETKTKAYSKEGLGLAQKVDPAQKEKEEVGQWLTNTIDTLNMQVDQFESEVESLSVQTRKKKGDK
DKQDRIEGLKRHIEKHRYHVRMLETILRMLDNDSILVDAIRKIKDDVEYYVDSSQDPDFEENEFLYDDLDLEDIPQALVA
TSPPSHSHMEDEIFNQSSSTPTSTTSSSPIPPSPANCTTENSEDDKKRGRSTDSEVSQSPAKNGSKPVHSNQHPQSPAVP
PTYPSGPPPAASALSTTPGNNGVPAPAAPPSALGPKASPAPSHNSGTPAPYAQAVAPPAPSGPSTTQPRPPSVQPSGGGG
GGSGGGGSSSSSNSSAGGGAGKQNGATSYSSVVADSPAEVALSSSGGNNASSQALGPPSGPHNPPPSTSKEPSAAAPTGA
GGVAPGSGNNSGGPSLLVPLPVNPPSSPTPSFSDAKAAGALLNGPPQFSTAPEIKAPEPLSSLKSMAERAAISSGIEDPV
PTLHLTERDIILSSTSAPPASAQPPLQLSEVNIPLSLGVCPLGPVPLPR
;
S
2 'polyribonucleotide'
;ACCAGGAUGGCCGAGUGGUUAAGGCGUUGGACUUAAGAUCCAAUGGACAUGUGUCCGCGUGGG(5MU)(PSU)CGAACCC
CACUCCUGGUACCA
;
A
#
# COMPACT_ATOMS: atom_id res chain seq x y z
N MET A 1 -37.68 -40.73 -11.77
CA MET A 1 -36.34 -40.11 -11.58
C MET A 1 -35.97 -40.06 -10.09
N ALA A 2 -36.33 -41.12 -9.36
CA ALA A 2 -36.02 -41.14 -7.94
C ALA A 2 -34.51 -41.10 -7.70
N ASP A 3 -33.74 -41.85 -8.49
CA ASP A 3 -32.29 -41.81 -8.36
C ASP A 3 -31.74 -40.44 -8.72
N LYS A 4 -32.26 -39.85 -9.80
CA LYS A 4 -31.82 -38.52 -10.19
C LYS A 4 -32.17 -37.49 -9.12
N ARG A 5 -33.38 -37.57 -8.56
CA ARG A 5 -33.77 -36.67 -7.50
C ARG A 5 -32.88 -36.84 -6.27
N LYS A 6 -32.54 -38.09 -5.94
CA LYS A 6 -31.66 -38.35 -4.80
C LYS A 6 -30.30 -37.70 -5.03
N LEU A 7 -29.74 -37.88 -6.22
CA LEU A 7 -28.45 -37.27 -6.51
C LEU A 7 -28.53 -35.75 -6.44
N GLN A 8 -29.62 -35.17 -6.96
CA GLN A 8 -29.80 -33.73 -6.93
C GLN A 8 -29.89 -33.23 -5.49
N GLY A 9 -30.63 -33.92 -4.64
CA GLY A 9 -30.75 -33.50 -3.25
C GLY A 9 -29.42 -33.58 -2.52
N GLU A 10 -28.68 -34.66 -2.74
CA GLU A 10 -27.35 -34.77 -2.15
C GLU A 10 -26.46 -33.62 -2.64
N ILE A 11 -26.54 -33.29 -3.92
CA ILE A 11 -25.75 -32.20 -4.47
C ILE A 11 -26.10 -30.88 -3.77
N ASP A 12 -27.40 -30.60 -3.64
CA ASP A 12 -27.83 -29.35 -3.04
C ASP A 12 -27.38 -29.26 -1.58
N ARG A 13 -27.51 -30.36 -0.84
CA ARG A 13 -27.05 -30.35 0.55
C ARG A 13 -25.54 -30.14 0.62
N CYS A 14 -24.79 -30.78 -0.28
CA CYS A 14 -23.34 -30.60 -0.28
C CYS A 14 -22.97 -29.16 -0.61
N LEU A 15 -23.68 -28.53 -1.55
CA LEU A 15 -23.40 -27.13 -1.88
C LEU A 15 -23.72 -26.22 -0.70
N LYS A 16 -24.82 -26.47 0.01
CA LYS A 16 -25.11 -25.69 1.20
C LYS A 16 -24.02 -25.86 2.25
N LYS A 17 -23.54 -27.09 2.41
CA LYS A 17 -22.44 -27.35 3.33
C LYS A 17 -21.19 -26.58 2.91
N VAL A 18 -20.92 -26.53 1.62
CA VAL A 18 -19.74 -25.81 1.13
C VAL A 18 -19.87 -24.32 1.41
N SER A 19 -21.06 -23.76 1.17
CA SER A 19 -21.28 -22.35 1.46
C SER A 19 -21.04 -22.05 2.93
N GLU A 20 -21.64 -22.85 3.81
CA GLU A 20 -21.46 -22.64 5.25
C GLU A 20 -19.99 -22.82 5.65
N GLY A 21 -19.31 -23.79 5.04
CA GLY A 21 -17.92 -24.03 5.37
C GLY A 21 -17.02 -22.88 4.94
N VAL A 22 -17.30 -22.28 3.78
CA VAL A 22 -16.54 -21.12 3.35
C VAL A 22 -16.79 -19.95 4.28
N GLU A 23 -18.04 -19.76 4.70
CA GLU A 23 -18.33 -18.72 5.69
C GLU A 23 -17.52 -18.93 6.95
N GLN A 24 -17.50 -20.17 7.47
CA GLN A 24 -16.74 -20.46 8.68
C GLN A 24 -15.24 -20.27 8.46
N PHE A 25 -14.75 -20.64 7.28
CA PHE A 25 -13.34 -20.44 6.96
C PHE A 25 -12.99 -18.96 7.03
N GLU A 26 -13.83 -18.10 6.47
CA GLU A 26 -13.59 -16.67 6.54
C GLU A 26 -13.62 -16.17 7.98
N ASP A 27 -14.58 -16.68 8.76
CA ASP A 27 -14.67 -16.27 10.17
C ASP A 27 -13.40 -16.62 10.92
N ILE A 28 -12.90 -17.85 10.72
CA ILE A 28 -11.69 -18.28 11.40
C ILE A 28 -10.49 -17.48 10.90
N TRP A 29 -10.48 -17.14 9.61
CA TRP A 29 -9.41 -16.31 9.06
C TRP A 29 -9.36 -14.96 9.76
N GLN A 30 -10.53 -14.34 9.94
CA GLN A 30 -10.56 -13.05 10.63
C GLN A 30 -10.16 -13.19 12.09
N LYS A 31 -10.59 -14.27 12.76
CA LYS A 31 -10.15 -14.51 14.12
C LYS A 31 -8.63 -14.59 14.18
N LEU A 32 -8.02 -15.34 13.26
CA LEU A 32 -6.57 -15.50 13.26
C LEU A 32 -5.88 -14.17 13.03
N HIS A 33 -6.37 -13.38 12.09
CA HIS A 33 -5.73 -12.10 11.81
C HIS A 33 -6.03 -11.04 12.88
N ASN A 34 -6.98 -11.31 13.78
CA ASN A 34 -7.20 -10.47 14.95
C ASN A 34 -6.47 -10.99 16.19
N ALA A 35 -5.78 -12.12 16.07
CA ALA A 35 -5.14 -12.73 17.23
C ALA A 35 -4.03 -11.83 17.77
N ALA A 36 -3.90 -11.80 19.10
CA ALA A 36 -2.88 -11.01 19.77
C ALA A 36 -1.84 -11.86 20.49
N ASN A 37 -2.05 -13.16 20.63
CA ASN A 37 -1.14 -14.05 21.32
C ASN A 37 -0.82 -15.25 20.44
N ALA A 38 0.34 -15.85 20.68
CA ALA A 38 0.75 -16.99 19.89
C ALA A 38 -0.21 -18.16 20.05
N ASN A 39 -0.73 -18.37 21.26
CA ASN A 39 -1.70 -19.44 21.48
C ASN A 39 -2.96 -19.21 20.65
N GLN A 40 -3.45 -17.97 20.61
CA GLN A 40 -4.60 -17.66 19.77
C GLN A 40 -4.29 -17.94 18.31
N LYS A 41 -3.10 -17.53 17.86
CA LYS A 41 -2.73 -17.76 16.46
C LYS A 41 -2.72 -19.24 16.13
N GLU A 42 -2.13 -20.06 17.00
CA GLU A 42 -2.05 -21.49 16.74
C GLU A 42 -3.43 -22.15 16.78
N LYS A 43 -4.25 -21.78 17.77
CA LYS A 43 -5.57 -22.39 17.87
C LYS A 43 -6.45 -22.04 16.68
N TYR A 44 -6.42 -20.76 16.27
CA TYR A 44 -7.19 -20.37 15.09
C TYR A 44 -6.63 -21.02 13.83
N GLU A 45 -5.31 -21.19 13.76
CA GLU A 45 -4.72 -21.89 12.62
C GLU A 45 -5.20 -23.34 12.56
N ALA A 46 -5.26 -24.00 13.72
CA ALA A 46 -5.74 -25.38 13.75
C ALA A 46 -7.21 -25.47 13.36
N ASP A 47 -8.03 -24.53 13.83
CA ASP A 47 -9.43 -24.52 13.43
C ASP A 47 -9.57 -24.28 11.93
N LEU A 48 -8.77 -23.39 11.38
CA LEU A 48 -8.77 -23.16 9.93
C LEU A 48 -8.33 -24.42 9.19
N LYS A 49 -7.34 -25.12 9.73
CA LYS A 49 -6.90 -26.38 9.13
C LYS A 49 -8.04 -27.39 9.09
N LYS A 50 -8.75 -27.54 10.20
CA LYS A 50 -9.86 -28.48 10.25
C LYS A 50 -10.95 -28.10 9.26
N GLU A 51 -11.31 -26.81 9.22
CA GLU A 51 -12.36 -26.38 8.32
C GLU A 51 -11.95 -26.58 6.86
N ILE A 52 -10.69 -26.28 6.52
CA ILE A 52 -10.27 -26.43 5.14
C ILE A 52 -10.14 -27.91 4.78
N LYS A 53 -9.83 -28.78 5.74
CA LYS A 53 -9.87 -30.21 5.45
C LYS A 53 -11.30 -30.67 5.17
N LYS A 54 -12.28 -30.17 5.93
CA LYS A 54 -13.67 -30.46 5.61
C LYS A 54 -14.03 -29.97 4.21
N LEU A 55 -13.58 -28.76 3.87
CA LEU A 55 -13.83 -28.22 2.54
C LEU A 55 -13.16 -29.08 1.47
N GLN A 56 -11.97 -29.62 1.76
CA GLN A 56 -11.27 -30.46 0.81
C GLN A 56 -12.02 -31.76 0.57
N ARG A 57 -12.60 -32.34 1.63
CA ARG A 57 -13.44 -33.52 1.44
C ARG A 57 -14.66 -33.19 0.57
N LEU A 58 -15.32 -32.08 0.87
CA LEU A 58 -16.45 -31.66 0.05
C LEU A 58 -16.04 -31.46 -1.39
N ARG A 59 -14.83 -30.92 -1.61
CA ARG A 59 -14.36 -30.68 -2.98
C ARG A 59 -14.01 -31.99 -3.69
N ASP A 60 -13.49 -32.97 -2.96
CA ASP A 60 -13.31 -34.29 -3.56
C ASP A 60 -14.64 -34.84 -4.04
N GLN A 61 -15.68 -34.69 -3.21
CA GLN A 61 -17.01 -35.12 -3.63
C GLN A 61 -17.48 -34.35 -4.86
N ILE A 62 -17.23 -33.04 -4.89
CA ILE A 62 -17.66 -32.22 -6.01
C ILE A 62 -16.94 -32.63 -7.29
N LYS A 63 -15.64 -32.91 -7.19
CA LYS A 63 -14.89 -33.36 -8.36
C LYS A 63 -15.40 -34.70 -8.86
N THR A 64 -15.72 -35.62 -7.94
CA THR A 64 -16.29 -36.89 -8.38
C THR A 64 -17.64 -36.68 -9.06
N TRP A 65 -18.46 -35.76 -8.55
CA TRP A 65 -19.75 -35.50 -9.18
C TRP A 65 -19.60 -34.91 -10.57
N VAL A 66 -18.79 -33.85 -10.70
CA VAL A 66 -18.61 -33.21 -11.99
C VAL A 66 -17.92 -34.15 -12.97
N ALA A 67 -17.20 -35.16 -12.46
CA ALA A 67 -16.70 -36.20 -13.35
C ALA A 67 -17.83 -37.01 -13.97
N SER A 68 -18.95 -37.15 -13.26
CA SER A 68 -20.04 -38.00 -13.72
C SER A 68 -20.79 -37.36 -14.87
N ASN A 69 -21.45 -38.20 -15.66
CA ASN A 69 -22.30 -37.74 -16.76
C ASN A 69 -23.75 -37.54 -16.35
N GLU A 70 -24.13 -37.91 -15.12
CA GLU A 70 -25.52 -37.78 -14.71
C GLU A 70 -25.95 -36.31 -14.70
N ILE A 71 -25.09 -35.42 -14.24
CA ILE A 71 -25.38 -33.99 -14.22
C ILE A 71 -25.09 -33.40 -15.58
N LYS A 72 -25.95 -32.50 -16.05
CA LYS A 72 -25.80 -31.86 -17.35
C LYS A 72 -25.35 -30.41 -17.22
N ASP A 73 -26.08 -29.58 -16.48
CA ASP A 73 -25.67 -28.21 -16.21
C ASP A 73 -25.01 -28.19 -14.83
N LYS A 74 -23.69 -28.26 -14.81
CA LYS A 74 -22.92 -28.33 -13.58
C LYS A 74 -22.18 -27.03 -13.30
N ARG A 75 -22.71 -25.91 -13.81
CA ARG A 75 -22.03 -24.63 -13.58
C ARG A 75 -21.91 -24.33 -12.09
N GLN A 76 -22.98 -24.62 -11.32
CA GLN A 76 -22.93 -24.37 -9.89
C GLN A 76 -21.83 -25.20 -9.23
N LEU A 77 -21.72 -26.48 -9.62
CA LEU A 77 -20.66 -27.32 -9.08
C LEU A 77 -19.28 -26.76 -9.42
N ILE A 78 -19.11 -26.28 -10.66
CA ILE A 78 -17.83 -25.71 -11.06
C ILE A 78 -17.51 -24.48 -10.21
N ASP A 79 -18.50 -23.62 -10.01
CA ASP A 79 -18.26 -22.39 -9.24
C ASP A 79 -17.91 -22.72 -7.79
N ASN A 80 -18.61 -23.69 -7.20
CA ASN A 80 -18.30 -24.07 -5.83
C ASN A 80 -16.92 -24.70 -5.72
N ARG A 81 -16.53 -25.50 -6.72
CA ARG A 81 -15.18 -26.06 -6.73
C ARG A 81 -14.14 -24.96 -6.82
N LYS A 82 -14.39 -23.96 -7.67
CA LYS A 82 -13.49 -22.81 -7.75
C LYS A 82 -13.38 -22.10 -6.41
N LEU A 83 -14.52 -21.90 -5.74
CA LEU A 83 -14.50 -21.24 -4.43
C LEU A 83 -13.70 -22.04 -3.42
N ILE A 84 -13.91 -23.36 -3.38
CA ILE A 84 -13.17 -24.20 -2.44
C ILE A 84 -11.68 -24.12 -2.72
N GLU A 85 -11.30 -24.16 -4.00
CA GLU A 85 -9.87 -24.08 -4.32
C GLU A 85 -9.29 -22.71 -3.97
N THR A 86 -10.08 -21.64 -4.11
CA THR A 86 -9.63 -20.34 -3.66
C THR A 86 -9.35 -20.35 -2.16
N GLN A 87 -10.26 -20.93 -1.39
CA GLN A 87 -10.06 -21.02 0.05
C GLN A 87 -8.83 -21.85 0.37
N MET A 88 -8.64 -22.95 -0.35
CA MET A 88 -7.47 -23.81 -0.12
C MET A 88 -6.18 -23.06 -0.40
N GLU A 89 -6.14 -22.29 -1.50
CA GLU A 89 -4.95 -21.52 -1.80
C GLU A 89 -4.69 -20.47 -0.73
N ARG A 90 -5.75 -19.81 -0.25
CA ARG A 90 -5.58 -18.85 0.82
C ARG A 90 -5.00 -19.51 2.06
N PHE A 91 -5.53 -20.67 2.43
CA PHE A 91 -5.03 -21.37 3.61
C PHE A 91 -3.58 -21.81 3.42
N LYS A 92 -3.23 -22.26 2.22
CA LYS A 92 -1.85 -22.64 1.95
C LYS A 92 -0.92 -21.44 2.12
N VAL A 93 -1.32 -20.28 1.60
CA VAL A 93 -0.51 -19.08 1.76
C VAL A 93 -0.37 -18.74 3.24
N VAL A 94 -1.47 -18.81 3.99
CA VAL A 94 -1.42 -18.49 5.41
C VAL A 94 -0.47 -19.43 6.14
N GLU A 95 -0.58 -20.73 5.87
CA GLU A 95 0.22 -21.72 6.57
C GLU A 95 1.69 -21.58 6.20
N ARG A 96 2.00 -21.33 4.93
CA ARG A 96 3.39 -21.16 4.54
C ARG A 96 3.98 -19.90 5.18
N GLU A 97 3.19 -18.82 5.25
CA GLU A 97 3.68 -17.61 5.90
C GLU A 97 3.95 -17.84 7.38
N THR A 98 3.05 -18.53 8.06
CA THR A 98 3.19 -18.70 9.52
C THR A 98 4.26 -19.71 9.88
N LYS A 99 4.30 -20.86 9.17
CA LYS A 99 5.20 -21.93 9.55
C LYS A 99 6.66 -21.54 9.37
N THR A 100 6.96 -20.65 8.42
CA THR A 100 8.34 -20.33 8.10
C THR A 100 9.07 -19.85 9.35
N LYS A 101 10.28 -20.39 9.55
CA LYS A 101 11.11 -20.00 10.67
C LYS A 101 11.97 -18.80 10.29
N ALA A 102 12.17 -17.89 11.25
CA ALA A 102 12.82 -16.63 10.94
C ALA A 102 14.23 -16.83 10.39
N TYR A 103 14.99 -17.73 10.97
CA TYR A 103 16.40 -17.93 10.60
C TYR A 103 16.63 -19.23 9.86
N SER A 104 15.59 -19.93 9.43
CA SER A 104 15.77 -21.07 8.56
C SER A 104 16.15 -20.60 7.15
N LYS A 105 16.57 -21.56 6.33
CA LYS A 105 17.07 -21.22 4.99
C LYS A 105 16.07 -20.36 4.23
N GLU A 106 14.81 -20.78 4.19
CA GLU A 106 13.79 -19.99 3.51
C GLU A 106 13.61 -18.64 4.19
N GLY A 107 13.62 -18.61 5.52
CA GLY A 107 13.34 -17.38 6.23
C GLY A 107 14.45 -16.34 6.12
N LEU A 108 15.68 -16.78 5.84
CA LEU A 108 16.80 -15.84 5.84
C LEU A 108 16.60 -14.70 4.85
N GLY A 109 16.04 -15.00 3.67
CA GLY A 109 15.91 -14.02 2.62
C GLY A 109 14.48 -13.65 2.29
N LEU A 110 13.64 -13.49 3.32
CA LEU A 110 12.25 -13.12 3.09
C LEU A 110 12.11 -11.73 2.48
N ALA A 111 13.15 -10.93 2.47
CA ALA A 111 13.13 -9.59 1.85
C ALA A 111 12.08 -8.75 2.57
N GLN A 112 11.44 -7.82 1.86
CA GLN A 112 10.51 -6.87 2.46
C GLN A 112 9.21 -7.59 2.81
N LYS A 113 9.26 -8.34 3.90
CA LYS A 113 8.06 -8.96 4.46
C LYS A 113 7.41 -8.05 5.49
N VAL A 114 7.13 -6.81 5.07
CA VAL A 114 6.53 -5.81 5.93
C VAL A 114 5.12 -5.51 5.42
N ASP A 115 4.29 -4.98 6.31
CA ASP A 115 2.93 -4.66 5.93
C ASP A 115 2.92 -3.70 4.75
N PRO A 116 2.06 -3.91 3.75
CA PRO A 116 2.06 -2.99 2.60
C PRO A 116 1.92 -1.54 3.01
N ALA A 117 1.15 -1.27 4.07
CA ALA A 117 1.09 0.09 4.60
C ALA A 117 2.47 0.57 5.02
N GLN A 118 3.25 -0.31 5.67
CA GLN A 118 4.60 0.06 6.08
C GLN A 118 5.49 0.32 4.86
N LYS A 119 5.39 -0.52 3.84
CA LYS A 119 6.20 -0.31 2.64
C LYS A 119 5.86 1.01 1.97
N GLU A 120 4.56 1.32 1.85
CA GLU A 120 4.15 2.59 1.25
C GLU A 120 4.59 3.77 2.11
N LYS A 121 4.51 3.64 3.44
CA LYS A 121 4.99 4.70 4.32
C LYS A 121 6.48 4.95 4.11
N GLU A 122 7.26 3.88 4.01
CA GLU A 122 8.70 4.03 3.77
C GLU A 122 8.96 4.68 2.42
N GLU A 123 8.20 4.29 1.39
CA GLU A 123 8.38 4.89 0.07
C GLU A 123 8.06 6.39 0.11
N VAL A 124 6.96 6.76 0.78
CA VAL A 124 6.58 8.16 0.86
C VAL A 124 7.63 8.97 1.63
N GLY A 125 8.12 8.42 2.74
CA GLY A 125 9.16 9.10 3.48
C GLY A 125 10.43 9.27 2.67
N GLN A 126 10.81 8.23 1.91
CA GLN A 126 11.99 8.33 1.07
C GLN A 126 11.81 9.40 0.00
N TRP A 127 10.64 9.46 -0.62
CA TRP A 127 10.39 10.49 -1.62
C TRP A 127 10.45 11.88 -1.00
N LEU A 128 9.88 12.05 0.19
CA LEU A 128 9.95 13.34 0.86
C LEU A 128 11.38 13.74 1.16
N THR A 129 12.20 12.79 1.62
CA THR A 129 13.60 13.08 1.89
C THR A 129 14.34 13.47 0.61
N ASN A 130 14.08 12.76 -0.48
CA ASN A 130 14.71 13.12 -1.76
C ASN A 130 14.29 14.51 -2.21
N THR A 131 13.01 14.85 -2.05
CA THR A 131 12.55 16.19 -2.38
C THR A 131 13.24 17.23 -1.51
N ILE A 132 13.44 16.90 -0.23
CA ILE A 132 14.15 17.82 0.66
C ILE A 132 15.58 18.02 0.17
N ASP A 133 16.24 16.94 -0.25
CA ASP A 133 17.60 17.06 -0.77
C ASP A 133 17.63 17.94 -2.01
N THR A 134 16.69 17.74 -2.92
CA THR A 134 16.63 18.56 -4.13
C THR A 134 16.40 20.02 -3.79
N LEU A 135 15.47 20.29 -2.86
CA LEU A 135 15.20 21.67 -2.46
C LEU A 135 16.43 22.31 -1.81
N ASN A 136 17.15 21.54 -0.99
CA ASN A 136 18.36 22.08 -0.37
C ASN A 136 19.42 22.39 -1.41
N MET A 137 19.56 21.51 -2.42
CA MET A 137 20.50 21.81 -3.51
C MET A 137 20.10 23.08 -4.24
N GLN A 138 18.81 23.24 -4.52
CA GLN A 138 18.35 24.46 -5.18
C GLN A 138 18.61 25.69 -4.32
N VAL A 139 18.39 25.57 -3.01
CA VAL A 139 18.63 26.69 -2.10
C VAL A 139 20.10 27.06 -2.11
N ASP A 140 20.99 26.06 -2.07
CA ASP A 140 22.41 26.35 -2.10
C ASP A 140 22.80 27.03 -3.41
N GLN A 141 22.29 26.53 -4.53
CA GLN A 141 22.59 27.16 -5.82
C GLN A 141 22.09 28.60 -5.85
N PHE A 142 20.87 28.84 -5.36
CA PHE A 142 20.31 30.18 -5.37
C PHE A 142 21.10 31.12 -4.48
N GLU A 143 21.51 30.65 -3.29
CA GLU A 143 22.29 31.51 -2.40
C GLU A 143 23.65 31.82 -2.99
N SER A 144 24.29 30.83 -3.62
CA SER A 144 25.58 31.09 -4.26
C SER A 144 25.43 32.11 -5.39
N GLU A 145 24.39 31.96 -6.21
CA GLU A 145 24.18 32.92 -7.28
C GLU A 145 23.81 34.30 -6.73
N VAL A 146 23.09 34.36 -5.61
CA VAL A 146 22.77 35.63 -4.99
C VAL A 146 24.05 36.33 -4.52
N GLU A 147 24.95 35.58 -3.90
CA GLU A 147 26.22 36.17 -3.50
C GLU A 147 27.02 36.63 -4.72
N SER A 148 27.01 35.84 -5.79
CA SER A 148 27.73 36.24 -7.00
C SER A 148 27.16 37.53 -7.56
N LEU A 149 25.83 37.64 -7.62
CA LEU A 149 25.21 38.84 -8.18
C LEU A 149 25.40 40.04 -7.26
N SER A 150 25.40 39.84 -5.95
CA SER A 150 25.69 40.94 -5.04
C SER A 150 27.13 41.43 -5.23
N VAL A 151 28.07 40.50 -5.40
CA VAL A 151 29.46 40.89 -5.65
C VAL A 151 29.55 41.65 -6.97
N GLN A 152 28.85 41.18 -8.00
CA GLN A 152 28.89 41.86 -9.29
C GLN A 152 28.30 43.26 -9.19
N THR A 153 27.18 43.40 -8.49
CA THR A 153 26.59 44.73 -8.32
C THR A 153 27.52 45.66 -7.54
N ARG A 154 28.16 45.14 -6.50
CA ARG A 154 29.09 45.97 -5.73
C ARG A 154 30.26 46.42 -6.59
N LYS A 155 30.78 45.52 -7.42
CA LYS A 155 31.91 45.89 -8.29
C LYS A 155 31.48 46.88 -9.36
N LYS A 156 30.28 46.69 -9.93
CA LYS A 156 29.80 47.58 -10.99
C LYS A 156 29.14 48.83 -10.42
N LYS A 157 28.47 48.71 -9.27
CA LYS A 157 27.75 49.82 -8.65
C LYS A 157 26.48 50.17 -9.45
N GLY A 158 25.87 49.18 -10.08
CA GLY A 158 24.68 49.40 -10.88
C GLY A 158 23.97 48.12 -11.28
N ASP A 159 23.46 48.08 -12.50
CA ASP A 159 22.72 46.92 -13.02
C ASP A 159 21.48 46.64 -12.17
N LYS A 160 20.55 47.59 -12.21
CA LYS A 160 19.34 47.48 -11.38
C LYS A 160 18.57 46.20 -11.69
N ASP A 161 18.61 45.72 -12.94
CA ASP A 161 18.03 44.43 -13.24
C ASP A 161 18.62 43.33 -12.36
N LYS A 162 19.91 43.45 -12.03
CA LYS A 162 20.52 42.47 -11.14
C LYS A 162 19.95 42.57 -9.73
N GLN A 163 19.66 43.78 -9.25
CA GLN A 163 19.00 43.92 -7.96
C GLN A 163 17.62 43.29 -7.99
N ASP A 164 16.87 43.50 -9.07
CA ASP A 164 15.56 42.88 -9.20
C ASP A 164 15.67 41.35 -9.19
N ARG A 165 16.64 40.81 -9.92
CA ARG A 165 16.82 39.37 -9.95
C ARG A 165 17.28 38.84 -8.59
N ILE A 166 18.05 39.63 -7.84
CA ILE A 166 18.47 39.20 -6.50
C ILE A 166 17.28 39.15 -5.57
N GLU A 167 16.38 40.13 -5.66
CA GLU A 167 15.16 40.06 -4.86
C GLU A 167 14.31 38.86 -5.27
N GLY A 168 14.23 38.58 -6.57
CA GLY A 168 13.51 37.40 -7.02
C GLY A 168 14.12 36.12 -6.48
N LEU A 169 15.45 36.03 -6.48
CA LEU A 169 16.12 34.87 -5.91
C LEU A 169 15.89 34.77 -4.41
N LYS A 170 15.84 35.91 -3.72
CA LYS A 170 15.54 35.90 -2.29
C LYS A 170 14.18 35.30 -2.04
N ARG A 171 13.17 35.73 -2.82
CA ARG A 171 11.83 35.18 -2.66
C ARG A 171 11.81 33.69 -3.02
N HIS A 172 12.55 33.30 -4.06
CA HIS A 172 12.62 31.89 -4.45
C HIS A 172 13.21 31.05 -3.33
N ILE A 173 14.28 31.54 -2.69
CA ILE A 173 14.87 30.81 -1.57
C ILE A 173 13.91 30.76 -0.40
N GLU A 174 13.17 31.85 -0.16
CA GLU A 174 12.17 31.83 0.90
C GLU A 174 11.16 30.72 0.65
N LYS A 175 10.66 30.61 -0.57
CA LYS A 175 9.67 29.58 -0.88
C LYS A 175 10.27 28.18 -0.82
N HIS A 176 11.52 28.03 -1.27
CA HIS A 176 12.18 26.73 -1.17
C HIS A 176 12.32 26.29 0.28
N ARG A 177 12.73 27.22 1.16
CA ARG A 177 12.85 26.90 2.57
C ARG A 177 11.48 26.59 3.18
N TYR A 178 10.46 27.33 2.78
CA TYR A 178 9.11 27.03 3.27
C TYR A 178 8.68 25.62 2.85
N HIS A 179 8.94 25.25 1.59
CA HIS A 179 8.63 23.91 1.13
C HIS A 179 9.40 22.86 1.93
N VAL A 180 10.69 23.13 2.18
CA VAL A 180 11.50 22.16 2.92
C VAL A 180 10.96 21.98 4.33
N ARG A 181 10.61 23.08 5.00
CA ARG A 181 10.12 22.98 6.37
C ARG A 181 8.77 22.27 6.42
N MET A 182 7.90 22.54 5.43
CA MET A 182 6.63 21.82 5.37
C MET A 182 6.86 20.32 5.12
N LEU A 183 7.83 19.98 4.27
CA LEU A 183 8.16 18.57 4.06
C LEU A 183 8.69 17.93 5.33
N GLU A 184 9.52 18.66 6.08
CA GLU A 184 10.02 18.13 7.35
C GLU A 184 8.88 17.88 8.32
N THR A 185 7.94 18.83 8.41
CA THR A 185 6.78 18.63 9.28
C THR A 185 5.98 17.41 8.85
N ILE A 186 5.76 17.26 7.53
CA ILE A 186 4.98 16.13 7.03
C ILE A 186 5.67 14.83 7.37
N LEU A 187 6.98 14.75 7.16
CA LEU A 187 7.70 13.52 7.45
C LEU A 187 7.69 13.21 8.95
N ARG A 188 7.88 14.23 9.78
CA ARG A 188 7.86 13.99 11.23
C ARG A 188 6.49 13.49 11.67
N MET A 189 5.41 14.05 11.11
CA MET A 189 4.08 13.56 11.41
C MET A 189 3.91 12.12 10.93
N LEU A 190 4.42 11.81 9.74
CA LEU A 190 4.27 10.47 9.18
C LEU A 190 4.98 9.44 10.03
N ASP A 191 6.17 9.76 10.53
CA ASP A 191 6.93 8.81 11.34
C ASP A 191 6.14 8.41 12.58
N ASN A 192 5.50 9.37 13.24
CA ASN A 192 4.71 9.10 14.43
C ASN A 192 3.33 8.54 14.11
N ASP A 193 3.05 8.25 12.84
CA ASP A 193 1.73 7.78 12.40
C ASP A 193 0.66 8.81 12.76
N SER A 194 0.88 10.05 12.34
CA SER A 194 -0.04 11.15 12.56
C SER A 194 -0.68 11.67 11.28
N ILE A 195 -0.17 11.27 10.11
CA ILE A 195 -0.69 11.72 8.83
C ILE A 195 -0.88 10.51 7.92
N LEU A 196 -1.84 10.63 7.01
CA LEU A 196 -2.15 9.55 6.08
C LEU A 196 -1.26 9.63 4.84
N VAL A 197 -1.00 8.47 4.25
CA VAL A 197 -0.23 8.42 3.01
C VAL A 197 -1.03 9.03 1.87
N ASP A 198 -2.34 8.81 1.85
CA ASP A 198 -3.18 9.41 0.81
C ASP A 198 -3.14 10.94 0.90
N ALA A 199 -3.09 11.48 2.12
CA ALA A 199 -2.98 12.93 2.26
C ALA A 199 -1.69 13.43 1.62
N ILE A 200 -0.59 12.71 1.82
CA ILE A 200 0.68 13.11 1.21
C ILE A 200 0.61 12.99 -0.30
N ARG A 201 -0.01 11.92 -0.80
CA ARG A 201 -0.10 11.72 -2.24
C ARG A 201 -1.03 12.73 -2.91
N LYS A 202 -1.98 13.31 -2.16
CA LYS A 202 -2.85 14.34 -2.73
C LYS A 202 -2.10 15.64 -3.03
N ILE A 203 -0.94 15.86 -2.40
CA ILE A 203 -0.10 17.02 -2.68
C ILE A 203 1.21 16.62 -3.32
N LYS A 204 1.48 15.32 -3.49
CA LYS A 204 2.68 14.88 -4.17
C LYS A 204 2.81 15.50 -5.55
N ASP A 205 1.72 15.48 -6.33
CA ASP A 205 1.78 16.00 -7.69
C ASP A 205 2.09 17.50 -7.69
N ASP A 206 1.47 18.25 -6.77
CA ASP A 206 1.73 19.68 -6.71
C ASP A 206 3.16 19.97 -6.28
N VAL A 207 3.70 19.19 -5.34
CA VAL A 207 5.08 19.39 -4.91
C VAL A 207 6.03 19.10 -6.07
N GLU A 208 5.76 18.03 -6.82
CA GLU A 208 6.56 17.75 -8.02
C GLU A 208 6.46 18.90 -9.01
N TYR A 209 5.25 19.42 -9.22
CA TYR A 209 5.07 20.53 -10.15
C TYR A 209 5.87 21.75 -9.73
N TYR A 210 5.87 22.06 -8.43
CA TYR A 210 6.68 23.19 -7.95
C TYR A 210 8.16 22.94 -8.18
N VAL A 211 8.66 21.79 -7.73
CA VAL A 211 10.10 21.52 -7.83
C VAL A 211 10.55 21.53 -9.28
N ASP A 212 9.68 21.10 -10.19
CA ASP A 212 10.05 21.05 -11.60
C ASP A 212 10.28 22.44 -12.17
N SER A 213 9.44 23.42 -11.79
CA SER A 213 9.57 24.77 -12.34
C SER A 213 8.94 25.74 -11.37
N SER A 214 9.76 26.55 -10.70
CA SER A 214 9.29 27.55 -9.75
C SER A 214 9.79 28.96 -10.01
N GLN A 215 10.95 29.13 -10.65
CA GLN A 215 11.50 30.45 -10.92
C GLN A 215 11.09 31.01 -12.28
N ASP A 216 10.54 30.18 -13.16
CA ASP A 216 10.16 30.64 -14.48
C ASP A 216 9.00 31.63 -14.38
N PRO A 217 8.95 32.64 -15.27
CA PRO A 217 7.88 33.64 -15.15
C PRO A 217 6.48 33.06 -15.23
N ASP A 218 6.29 32.04 -16.07
CA ASP A 218 4.98 31.38 -16.20
C ASP A 218 4.83 30.31 -15.11
N PHE A 219 4.86 30.78 -13.87
CA PHE A 219 4.73 29.92 -12.70
C PHE A 219 3.38 30.16 -12.06
N GLU A 220 2.53 29.14 -12.08
CA GLU A 220 1.19 29.23 -11.50
C GLU A 220 1.23 28.62 -10.10
N GLU A 221 1.71 29.42 -9.15
CA GLU A 221 1.85 28.95 -7.78
C GLU A 221 0.46 28.81 -7.14
N ASN A 222 0.15 27.60 -6.69
CA ASN A 222 -1.11 27.33 -6.00
C ASN A 222 -0.87 27.53 -4.51
N GLU A 223 -1.38 28.64 -3.97
CA GLU A 223 -1.21 28.90 -2.54
C GLU A 223 -1.90 27.84 -1.70
N PHE A 224 -2.92 27.18 -2.24
CA PHE A 224 -3.67 26.16 -1.51
C PHE A 224 -3.03 24.78 -1.67
N LEU A 225 -1.72 24.70 -1.42
CA LEU A 225 -1.00 23.45 -1.48
C LEU A 225 -0.96 22.75 -0.13
N TYR A 226 -0.57 23.47 0.93
CA TYR A 226 -0.59 22.96 2.28
C TYR A 226 -1.83 23.39 3.06
N ASP A 227 -2.73 24.14 2.43
CA ASP A 227 -3.90 24.66 3.13
C ASP A 227 -4.95 23.59 3.40
N ASP A 228 -5.03 22.58 2.52
CA ASP A 228 -6.00 21.50 2.75
C ASP A 228 -5.69 20.75 4.03
N LEU A 229 -4.41 20.50 4.31
CA LEU A 229 -3.99 19.85 5.53
C LEU A 229 -3.66 20.91 6.59
N ASP A 230 -4.24 20.74 7.78
CA ASP A 230 -3.99 21.66 8.89
C ASP A 230 -2.68 21.27 9.56
N LEU A 231 -1.57 21.67 8.92
CA LEU A 231 -0.25 21.31 9.39
C LEU A 231 0.35 22.42 10.25
#